data_1R2Y
#
_entry.id   1R2Y
#
_cell.length_a   44.290
_cell.length_b   93.634
_cell.length_c   102.221
_cell.angle_alpha   90.00
_cell.angle_beta   90.00
_cell.angle_gamma   90.00
#
_symmetry.space_group_name_H-M   'P 21 21 21'
#
loop_
_entity.id
_entity.type
_entity.pdbx_description
1 polymer "5'-D(*AP*GP*GP*TP*AP*GP*AP*CP*CP*TP*GP*GP*AP*CP*GP*C)-3'"
2 polymer "5'-D(*TP*GP*CP*GP*TP*CP*CP*AP*(8OG)P*GP*TP*CP*TP*AP*CP*C)-3'"
3 polymer MutM
4 non-polymer 'ZINC ION'
5 water water
#
loop_
_entity_poly.entity_id
_entity_poly.type
_entity_poly.pdbx_seq_one_letter_code
_entity_poly.pdbx_strand_id
1 'polydeoxyribonucleotide' (DG)(DT)(DA)(DG)(DA)(DC)(DC)(DT)(DG)(DG)(DA)(DC) B
2 'polydeoxyribonucleotide' (DG)(DT)(DC)(DC)(DA)(8OG)(DG)(DT)(DC)(DT)(DA)(DC) C
3 'polypeptide(L)'
;MPQLPEVETIRRTLLPLIVGKTIEDVRIFWPNIIRHPRDSEAFAARMIGQTVRGLERRGKFLKFLLDRDALISHLRMEGR
YAVASALEPLEPHTHVVFCFTDGSELRYRDVRKFGTMHVYAKEEADRRPPLAELGPEPLSPAFSPAVLAERAVKTKRSVK
ALLLDQTVVAGFGNIYVDESLFRAGILPGRPAASLSSKEIERLHEEMVATIGEAVMKGGSTVRTYVNTQGEAGTFQHHLY
VYGRQGNPCKRCGTPIEKTVVAGRGTHYCPRCQR
;
A
#
# COMPACT_ATOMS: atom_id res chain seq x y z
N PRO C 2 1.50 1.24 -4.79
CA PRO C 2 2.03 0.39 -3.69
C PRO C 2 0.95 -0.15 -2.76
N GLN C 3 0.93 -1.47 -2.62
CA GLN C 3 -0.01 -2.13 -1.74
C GLN C 3 0.80 -2.55 -0.52
N LEU C 4 0.22 -3.33 0.39
CA LEU C 4 0.94 -3.71 1.59
C LEU C 4 2.36 -4.24 1.38
N PRO C 5 2.56 -5.19 0.45
CA PRO C 5 3.92 -5.71 0.24
C PRO C 5 4.95 -4.68 -0.19
N GLU C 6 4.54 -3.76 -1.06
CA GLU C 6 5.43 -2.71 -1.54
C GLU C 6 5.71 -1.69 -0.43
N VAL C 7 4.67 -1.25 0.27
CA VAL C 7 4.84 -0.29 1.36
C VAL C 7 5.70 -0.92 2.46
N GLU C 8 5.50 -2.21 2.72
CA GLU C 8 6.27 -2.91 3.74
C GLU C 8 7.74 -3.02 3.35
N THR C 9 8.00 -3.28 2.08
CA THR C 9 9.38 -3.40 1.60
C THR C 9 10.06 -2.03 1.69
N ILE C 10 9.30 -0.99 1.38
CA ILE C 10 9.85 0.37 1.47
C ILE C 10 10.15 0.67 2.93
N ARG C 11 9.25 0.26 3.82
CA ARG C 11 9.42 0.51 5.25
C ARG C 11 10.70 -0.12 5.77
N ARG C 12 10.92 -1.39 5.46
CA ARG C 12 12.09 -2.11 5.91
C ARG C 12 13.39 -1.50 5.40
N THR C 13 13.42 -1.14 4.12
CA THR C 13 14.61 -0.58 3.51
C THR C 13 14.86 0.90 3.78
N LEU C 14 13.84 1.61 4.25
CA LEU C 14 13.96 3.04 4.53
C LEU C 14 14.35 3.34 5.98
N LEU C 15 13.73 2.63 6.91
CA LEU C 15 13.96 2.84 8.34
C LEU C 15 15.41 2.97 8.82
N PRO C 16 16.29 2.06 8.41
CA PRO C 16 17.68 2.21 8.89
C PRO C 16 18.39 3.43 8.32
N LEU C 17 17.90 3.92 7.18
CA LEU C 17 18.51 5.07 6.54
C LEU C 17 18.10 6.39 7.20
N ILE C 18 17.06 6.37 8.03
CA ILE C 18 16.63 7.60 8.68
C ILE C 18 16.51 7.55 10.19
N VAL C 19 16.42 6.36 10.78
CA VAL C 19 16.29 6.27 12.23
C VAL C 19 17.43 7.04 12.92
N GLY C 20 17.08 7.82 13.93
CA GLY C 20 18.09 8.57 14.65
C GLY C 20 18.40 9.96 14.10
N LYS C 21 17.93 10.25 12.89
CA LYS C 21 18.21 11.56 12.31
C LYS C 21 17.18 12.61 12.75
N THR C 22 17.67 13.83 12.93
CA THR C 22 16.86 14.95 13.39
C THR C 22 16.52 15.88 12.22
N ILE C 23 15.22 16.17 12.08
CA ILE C 23 14.75 17.04 11.02
C ILE C 23 15.19 18.47 11.24
N GLU C 24 15.88 19.04 10.25
CA GLU C 24 16.35 20.41 10.32
C GLU C 24 15.42 21.35 9.55
N ASP C 25 14.88 20.87 8.43
CA ASP C 25 13.96 21.68 7.63
C ASP C 25 13.08 20.77 6.78
N VAL C 26 11.91 21.27 6.42
CA VAL C 26 10.96 20.52 5.58
C VAL C 26 10.55 21.45 4.46
N ARG C 27 10.89 21.07 3.22
CA ARG C 27 10.55 21.87 2.05
C ARG C 27 9.47 21.19 1.22
N ILE C 28 8.44 21.96 0.88
CA ILE C 28 7.30 21.46 0.12
C ILE C 28 7.15 22.21 -1.20
N PHE C 29 7.13 21.46 -2.31
CA PHE C 29 7.01 22.08 -3.63
C PHE C 29 5.63 21.89 -4.26
N TRP C 30 4.79 21.07 -3.61
CA TRP C 30 3.41 20.84 -4.05
C TRP C 30 2.57 20.71 -2.76
N PRO C 31 2.15 21.84 -2.19
CA PRO C 31 1.35 21.93 -0.95
C PRO C 31 0.16 20.98 -0.86
N ASN C 32 -0.52 20.77 -1.98
CA ASN C 32 -1.69 19.90 -2.03
C ASN C 32 -1.44 18.52 -1.43
N ILE C 33 -0.18 18.08 -1.41
CA ILE C 33 0.13 16.77 -0.84
C ILE C 33 -0.11 16.77 0.67
N ILE C 34 0.08 17.94 1.29
CA ILE C 34 -0.10 18.13 2.73
C ILE C 34 -1.60 18.25 3.07
N ARG C 35 -2.14 17.26 3.78
CA ARG C 35 -3.55 17.27 4.13
C ARG C 35 -3.80 17.72 5.57
N HIS C 36 -2.86 17.46 6.46
CA HIS C 36 -3.03 17.88 7.84
C HIS C 36 -1.73 18.00 8.61
N PRO C 37 -1.47 19.19 9.19
CA PRO C 37 -2.39 20.33 9.10
C PRO C 37 -2.47 20.86 7.66
N ARG C 38 -3.62 21.38 7.26
CA ARG C 38 -3.78 21.89 5.90
C ARG C 38 -2.75 22.96 5.52
N ASP C 39 -2.45 23.85 6.45
CA ASP C 39 -1.47 24.90 6.20
C ASP C 39 -0.10 24.20 6.17
N SER C 40 0.48 24.08 4.98
CA SER C 40 1.76 23.41 4.80
C SER C 40 2.90 24.02 5.62
N GLU C 41 2.81 25.31 5.93
CA GLU C 41 3.86 25.96 6.71
C GLU C 41 3.84 25.48 8.16
N ALA C 42 2.66 25.10 8.66
CA ALA C 42 2.51 24.61 10.02
C ALA C 42 3.05 23.18 10.05
N PHE C 43 2.72 22.45 9.00
CA PHE C 43 3.14 21.08 8.80
C PHE C 43 4.67 21.03 8.87
N ALA C 44 5.30 21.91 8.11
CA ALA C 44 6.76 22.00 8.06
C ALA C 44 7.37 22.44 9.39
N ALA C 45 6.85 23.53 9.95
CA ALA C 45 7.37 24.06 11.19
C ALA C 45 7.32 23.10 12.37
N ARG C 46 6.19 22.41 12.55
CA ARG C 46 6.05 21.50 13.69
C ARG C 46 7.03 20.35 13.72
N MET C 47 7.50 19.91 12.56
CA MET C 47 8.43 18.79 12.55
C MET C 47 9.89 19.15 12.75
N ILE C 48 10.25 20.40 12.50
CA ILE C 48 11.62 20.85 12.68
C ILE C 48 12.05 20.62 14.12
N GLY C 49 13.20 19.97 14.32
CA GLY C 49 13.67 19.72 15.67
C GLY C 49 13.34 18.33 16.19
N GLN C 50 12.37 17.67 15.57
CA GLN C 50 11.99 16.33 15.98
C GLN C 50 12.91 15.29 15.35
N THR C 51 13.09 14.17 16.06
CA THR C 51 13.94 13.09 15.59
C THR C 51 13.14 11.86 15.18
N VAL C 52 13.59 11.18 14.13
CA VAL C 52 12.91 9.97 13.68
C VAL C 52 13.28 8.84 14.65
N ARG C 53 12.27 8.28 15.32
CA ARG C 53 12.48 7.20 16.28
C ARG C 53 12.08 5.84 15.70
N GLY C 54 11.19 5.87 14.71
CA GLY C 54 10.75 4.63 14.11
C GLY C 54 9.93 4.78 12.84
N LEU C 55 9.69 3.65 12.18
CA LEU C 55 8.92 3.64 10.94
C LEU C 55 8.05 2.41 10.94
N GLU C 56 6.74 2.63 11.00
CA GLU C 56 5.79 1.54 11.01
C GLU C 56 4.89 1.61 9.79
N ARG C 57 4.11 0.55 9.61
CA ARG C 57 3.18 0.48 8.50
C ARG C 57 1.82 0.05 9.01
N ARG C 58 0.77 0.65 8.48
CA ARG C 58 -0.59 0.30 8.83
C ARG C 58 -1.31 0.29 7.48
N GLY C 59 -1.69 -0.90 7.02
CA GLY C 59 -2.36 -1.00 5.74
C GLY C 59 -1.37 -0.62 4.63
N LYS C 60 -1.74 0.40 3.86
CA LYS C 60 -0.89 0.88 2.76
C LYS C 60 -0.23 2.19 3.18
N PHE C 61 -0.38 2.57 4.45
CA PHE C 61 0.20 3.81 4.95
C PHE C 61 1.51 3.60 5.69
N LEU C 62 2.44 4.53 5.50
CA LEU C 62 3.71 4.48 6.22
C LEU C 62 3.47 5.36 7.44
N LYS C 63 4.04 4.98 8.57
CA LYS C 63 3.88 5.75 9.78
C LYS C 63 5.24 6.10 10.40
N PHE C 64 5.70 7.31 10.12
CA PHE C 64 6.97 7.79 10.64
C PHE C 64 6.76 8.22 12.07
N LEU C 65 7.49 7.60 12.99
CA LEU C 65 7.36 7.95 14.40
C LEU C 65 8.49 8.92 14.75
N LEU C 66 8.12 10.14 15.11
CA LEU C 66 9.08 11.16 15.47
C LEU C 66 9.12 11.25 17.00
N ASP C 67 9.15 12.45 17.55
CA ASP C 67 9.16 12.62 19.00
C ASP C 67 7.73 12.70 19.49
N ARG C 68 7.10 13.84 19.23
CA ARG C 68 5.72 14.06 19.63
C ARG C 68 4.74 13.63 18.54
N ASP C 69 5.12 13.84 17.28
CA ASP C 69 4.27 13.51 16.15
C ASP C 69 4.53 12.21 15.39
N ALA C 70 3.55 11.85 14.59
CA ALA C 70 3.61 10.68 13.74
C ALA C 70 3.25 11.25 12.38
N LEU C 71 4.07 10.97 11.37
CA LEU C 71 3.80 11.43 10.02
C LEU C 71 3.20 10.26 9.24
N ILE C 72 1.92 10.38 8.90
CA ILE C 72 1.23 9.33 8.14
C ILE C 72 1.37 9.67 6.66
N SER C 73 1.98 8.75 5.91
CA SER C 73 2.19 8.97 4.48
C SER C 73 1.59 7.90 3.58
N HIS C 74 0.85 8.34 2.57
CA HIS C 74 0.24 7.42 1.63
C HIS C 74 0.84 7.69 0.26
N LEU C 75 1.46 6.67 -0.31
CA LEU C 75 2.11 6.76 -1.62
C LEU C 75 1.16 6.76 -2.81
N ARG C 76 -0.07 6.29 -2.60
CA ARG C 76 -1.04 6.21 -3.70
C ARG C 76 -0.46 5.39 -4.84
N MET C 77 -0.52 5.90 -6.06
CA MET C 77 -0.02 5.19 -7.24
C MET C 77 1.47 5.33 -7.57
N GLU C 78 2.03 6.51 -7.38
CA GLU C 78 3.44 6.73 -7.74
C GLU C 78 4.38 7.29 -6.68
N GLY C 79 3.90 7.48 -5.46
CA GLY C 79 4.74 8.00 -4.40
C GLY C 79 5.91 7.09 -4.07
N ARG C 80 7.12 7.65 -4.04
CA ARG C 80 8.34 6.91 -3.76
C ARG C 80 9.26 7.73 -2.84
N TYR C 81 10.05 7.04 -2.03
CA TYR C 81 10.99 7.69 -1.13
C TYR C 81 12.41 7.29 -1.48
N ALA C 82 13.35 8.13 -1.06
CA ALA C 82 14.76 7.90 -1.28
C ALA C 82 15.50 8.82 -0.32
N VAL C 83 16.68 8.39 0.10
CA VAL C 83 17.52 9.17 1.00
C VAL C 83 18.77 9.53 0.23
N ALA C 84 19.19 10.79 0.32
CA ALA C 84 20.38 11.24 -0.38
C ALA C 84 20.97 12.51 0.22
N SER C 85 22.09 12.94 -0.36
CA SER C 85 22.78 14.14 0.09
C SER C 85 22.04 15.42 -0.30
N ALA C 86 21.84 16.30 0.67
CA ALA C 86 21.14 17.56 0.44
C ALA C 86 21.95 18.51 -0.43
N LEU C 87 23.17 18.09 -0.78
CA LEU C 87 24.05 18.90 -1.60
C LEU C 87 23.89 18.63 -3.09
N GLU C 88 23.20 17.53 -3.41
CA GLU C 88 22.96 17.14 -4.81
C GLU C 88 21.62 17.66 -5.33
N PRO C 89 21.52 17.92 -6.64
CA PRO C 89 20.27 18.41 -7.23
C PRO C 89 19.20 17.32 -7.11
N LEU C 90 17.96 17.74 -6.91
CA LEU C 90 16.84 16.82 -6.76
C LEU C 90 16.46 16.10 -8.06
N GLU C 91 15.74 14.99 -7.92
CA GLU C 91 15.28 14.25 -9.09
C GLU C 91 13.96 14.92 -9.49
N PRO C 92 13.50 14.69 -10.72
CA PRO C 92 12.25 15.31 -11.15
C PRO C 92 11.03 14.79 -10.39
N HIS C 93 10.05 15.68 -10.18
CA HIS C 93 8.82 15.33 -9.48
C HIS C 93 8.99 15.10 -7.98
N THR C 94 10.00 15.76 -7.40
CA THR C 94 10.25 15.67 -5.96
C THR C 94 9.38 16.76 -5.35
N HIS C 95 8.35 16.37 -4.61
CA HIS C 95 7.43 17.36 -4.07
C HIS C 95 7.59 17.73 -2.61
N VAL C 96 8.29 16.89 -1.86
CA VAL C 96 8.53 17.14 -0.45
C VAL C 96 9.91 16.60 -0.11
N VAL C 97 10.65 17.34 0.71
CA VAL C 97 11.97 16.94 1.13
C VAL C 97 12.14 17.24 2.62
N PHE C 98 12.65 16.26 3.36
CA PHE C 98 12.89 16.45 4.79
C PHE C 98 14.41 16.50 4.93
N CYS C 99 14.93 17.65 5.34
CA CYS C 99 16.37 17.79 5.48
C CYS C 99 16.83 17.55 6.92
N PHE C 100 17.78 16.65 7.07
CA PHE C 100 18.31 16.29 8.38
C PHE C 100 19.55 17.09 8.74
N THR C 101 19.85 17.17 10.03
CA THR C 101 20.99 17.93 10.52
C THR C 101 22.34 17.34 10.17
N ASP C 102 22.36 16.15 9.58
CA ASP C 102 23.64 15.54 9.21
C ASP C 102 23.95 15.79 7.75
N GLY C 103 23.11 16.58 7.09
CA GLY C 103 23.33 16.89 5.70
C GLY C 103 22.62 16.00 4.72
N SER C 104 22.07 14.89 5.20
CA SER C 104 21.35 13.98 4.32
C SER C 104 19.89 14.41 4.32
N GLU C 105 19.10 13.86 3.41
CA GLU C 105 17.69 14.22 3.33
C GLU C 105 16.81 13.10 2.81
N LEU C 106 15.54 13.14 3.23
CA LEU C 106 14.54 12.18 2.81
C LEU C 106 13.76 12.89 1.73
N ARG C 107 13.73 12.31 0.55
CA ARG C 107 13.01 12.91 -0.57
C ARG C 107 11.78 12.12 -0.95
N TYR C 108 10.68 12.82 -1.17
CA TYR C 108 9.45 12.17 -1.56
C TYR C 108 9.15 12.60 -3.00
N ARG C 109 9.09 11.61 -3.91
CA ARG C 109 8.79 11.85 -5.31
C ARG C 109 7.43 11.24 -5.61
N ASP C 110 6.64 11.93 -6.45
CA ASP C 110 5.31 11.46 -6.80
C ASP C 110 4.87 12.13 -8.10
N VAL C 111 5.18 11.48 -9.22
CA VAL C 111 4.85 11.99 -10.54
C VAL C 111 3.41 12.47 -10.69
N ARG C 112 2.45 11.68 -10.23
CA ARG C 112 1.05 12.04 -10.37
C ARG C 112 0.53 12.98 -9.28
N LYS C 113 1.31 13.16 -8.22
CA LYS C 113 0.93 14.05 -7.12
C LYS C 113 -0.30 13.59 -6.35
N PHE C 114 -0.58 12.28 -6.37
CA PHE C 114 -1.74 11.75 -5.68
C PHE C 114 -1.51 11.46 -4.19
N GLY C 115 -0.25 11.21 -3.81
CA GLY C 115 0.05 10.90 -2.41
C GLY C 115 -0.39 11.95 -1.41
N THR C 116 -0.53 11.54 -0.14
CA THR C 116 -0.94 12.47 0.91
C THR C 116 -0.09 12.30 2.18
N MET C 117 -0.04 13.37 2.98
CA MET C 117 0.70 13.38 4.24
C MET C 117 -0.13 14.01 5.36
N HIS C 118 -0.22 13.33 6.49
CA HIS C 118 -0.97 13.81 7.64
C HIS C 118 -0.06 13.74 8.85
N VAL C 119 -0.05 14.80 9.66
CA VAL C 119 0.78 14.82 10.87
C VAL C 119 -0.11 15.09 12.08
N TYR C 120 -0.02 14.22 13.07
CA TYR C 120 -0.78 14.35 14.31
C TYR C 120 0.13 13.89 15.44
N ALA C 121 -0.27 14.17 16.67
CA ALA C 121 0.50 13.70 17.82
C ALA C 121 0.34 12.19 17.73
N LYS C 122 1.35 11.44 18.18
CA LYS C 122 1.29 9.99 18.13
C LYS C 122 0.02 9.38 18.69
N GLU C 123 -0.55 9.98 19.72
CA GLU C 123 -1.76 9.44 20.35
C GLU C 123 -3.01 9.63 19.52
N GLU C 124 -3.05 10.69 18.72
CA GLU C 124 -4.21 10.98 17.89
C GLU C 124 -4.23 10.31 16.52
N ALA C 125 -3.05 10.01 15.98
CA ALA C 125 -2.92 9.40 14.66
C ALA C 125 -3.88 8.23 14.37
N ASP C 126 -4.00 7.30 15.31
CA ASP C 126 -4.87 6.15 15.11
C ASP C 126 -6.36 6.37 15.30
N ARG C 127 -6.75 7.51 15.87
CA ARG C 127 -8.17 7.77 16.07
C ARG C 127 -8.63 8.96 15.24
N ARG C 128 -7.95 9.16 14.12
CA ARG C 128 -8.25 10.25 13.19
C ARG C 128 -8.02 9.68 11.79
N PRO C 129 -8.53 10.37 10.76
CA PRO C 129 -8.30 9.84 9.41
C PRO C 129 -6.86 10.14 9.04
N PRO C 130 -6.29 9.41 8.07
CA PRO C 130 -6.92 8.33 7.30
C PRO C 130 -6.82 6.93 7.94
N LEU C 131 -6.14 6.83 9.07
CA LEU C 131 -5.96 5.54 9.74
C LEU C 131 -7.15 5.05 10.56
N ALA C 132 -7.95 5.99 11.06
CA ALA C 132 -9.10 5.67 11.89
C ALA C 132 -9.97 4.46 11.54
N GLU C 133 -10.52 4.44 10.32
CA GLU C 133 -11.41 3.35 9.93
C GLU C 133 -10.80 2.19 9.13
N LEU C 134 -9.50 2.01 9.19
CA LEU C 134 -8.89 0.91 8.45
C LEU C 134 -9.20 -0.45 9.06
N GLY C 135 -9.41 -1.44 8.20
CA GLY C 135 -9.71 -2.79 8.67
C GLY C 135 -8.47 -3.45 9.28
N PRO C 136 -8.59 -4.70 9.72
CA PRO C 136 -7.44 -5.38 10.32
C PRO C 136 -6.29 -5.73 9.36
N GLU C 137 -5.12 -5.98 9.96
CA GLU C 137 -3.94 -6.36 9.20
C GLU C 137 -4.12 -7.81 8.73
N PRO C 138 -3.91 -8.06 7.43
CA PRO C 138 -4.06 -9.40 6.85
C PRO C 138 -3.15 -10.48 7.45
N LEU C 139 -1.93 -10.10 7.77
CA LEU C 139 -0.98 -11.05 8.35
C LEU C 139 -1.08 -11.10 9.88
N SER C 140 -2.25 -10.70 10.41
CA SER C 140 -2.47 -10.72 11.85
C SER C 140 -3.71 -11.56 12.19
N PRO C 141 -3.80 -12.03 13.44
CA PRO C 141 -4.94 -12.83 13.89
C PRO C 141 -6.27 -12.09 13.78
N ALA C 142 -6.20 -10.75 13.76
CA ALA C 142 -7.40 -9.94 13.67
C ALA C 142 -8.12 -10.14 12.33
N PHE C 143 -7.39 -10.65 11.34
CA PHE C 143 -7.99 -10.92 10.04
C PHE C 143 -8.20 -12.42 9.94
N SER C 144 -9.46 -12.83 9.88
CA SER C 144 -9.79 -14.25 9.80
C SER C 144 -10.96 -14.45 8.85
N PRO C 145 -11.30 -15.71 8.55
CA PRO C 145 -12.41 -15.97 7.65
C PRO C 145 -13.68 -15.30 8.18
N ALA C 146 -13.86 -15.38 9.49
CA ALA C 146 -15.03 -14.79 10.15
C ALA C 146 -15.20 -13.32 9.78
N VAL C 147 -14.11 -12.56 9.87
CA VAL C 147 -14.14 -11.13 9.55
C VAL C 147 -14.51 -10.86 8.10
N LEU C 148 -14.07 -11.75 7.20
CA LEU C 148 -14.38 -11.59 5.79
C LEU C 148 -15.86 -11.93 5.57
N ALA C 149 -16.31 -13.02 6.19
CA ALA C 149 -17.70 -13.45 6.08
C ALA C 149 -18.63 -12.38 6.62
N GLU C 150 -18.32 -11.86 7.79
CA GLU C 150 -19.13 -10.82 8.43
C GLU C 150 -19.44 -9.68 7.45
N ARG C 151 -18.42 -9.26 6.69
CA ARG C 151 -18.61 -8.18 5.73
C ARG C 151 -19.16 -8.69 4.39
N ALA C 152 -18.78 -9.90 4.00
CA ALA C 152 -19.25 -10.49 2.74
C ALA C 152 -20.76 -10.73 2.74
N VAL C 153 -21.25 -11.46 3.74
CA VAL C 153 -22.67 -11.79 3.87
C VAL C 153 -23.50 -10.61 4.36
N LYS C 154 -23.21 -9.42 3.86
CA LYS C 154 -23.93 -8.23 4.28
C LYS C 154 -24.02 -7.23 3.13
N THR C 155 -23.42 -7.58 2.01
CA THR C 155 -23.43 -6.69 0.84
C THR C 155 -23.61 -7.45 -0.46
N LYS C 156 -24.14 -6.75 -1.46
CA LYS C 156 -24.39 -7.35 -2.77
C LYS C 156 -23.27 -7.06 -3.75
N ARG C 157 -22.46 -6.04 -3.49
CA ARG C 157 -21.37 -5.69 -4.40
C ARG C 157 -20.39 -6.84 -4.66
N SER C 158 -19.65 -6.71 -5.74
CA SER C 158 -18.67 -7.70 -6.14
C SER C 158 -17.70 -8.02 -5.02
N VAL C 159 -17.21 -9.25 -5.00
CA VAL C 159 -16.26 -9.67 -3.98
C VAL C 159 -14.97 -8.87 -4.18
N LYS C 160 -14.74 -8.37 -5.39
CA LYS C 160 -13.54 -7.59 -5.66
C LYS C 160 -13.63 -6.22 -4.99
N ALA C 161 -14.79 -5.56 -5.11
CA ALA C 161 -14.99 -4.26 -4.48
C ALA C 161 -14.80 -4.43 -2.98
N LEU C 162 -15.29 -5.55 -2.45
CA LEU C 162 -15.16 -5.85 -1.04
C LEU C 162 -13.69 -5.91 -0.60
N LEU C 163 -12.88 -6.67 -1.34
CA LEU C 163 -11.46 -6.83 -1.01
C LEU C 163 -10.62 -5.58 -1.16
N LEU C 164 -11.07 -4.65 -2.02
CA LEU C 164 -10.36 -3.41 -2.25
C LEU C 164 -10.72 -2.39 -1.18
N ASP C 165 -11.76 -2.71 -0.39
CA ASP C 165 -12.23 -1.82 0.66
C ASP C 165 -11.31 -1.88 1.86
N GLN C 166 -10.53 -0.82 2.06
CA GLN C 166 -9.59 -0.77 3.18
C GLN C 166 -10.23 -0.92 4.57
N THR C 167 -11.55 -0.76 4.67
CA THR C 167 -12.23 -0.91 5.97
C THR C 167 -12.50 -2.39 6.29
N VAL C 168 -12.54 -3.22 5.26
CA VAL C 168 -12.77 -4.65 5.45
C VAL C 168 -11.48 -5.29 5.92
N VAL C 169 -10.42 -5.05 5.15
CA VAL C 169 -9.09 -5.57 5.45
C VAL C 169 -8.14 -4.54 4.84
N ALA C 170 -7.04 -4.24 5.52
CA ALA C 170 -6.10 -3.23 5.04
C ALA C 170 -4.89 -3.76 4.27
N GLY C 171 -4.64 -3.20 3.08
CA GLY C 171 -3.47 -3.63 2.34
C GLY C 171 -3.60 -4.21 0.95
N PHE C 172 -4.77 -4.73 0.59
CA PHE C 172 -4.92 -5.31 -0.74
C PHE C 172 -5.29 -4.28 -1.80
N GLY C 173 -4.64 -4.38 -2.96
CA GLY C 173 -4.91 -3.47 -4.07
C GLY C 173 -5.30 -4.24 -5.32
N ASN C 174 -5.30 -3.57 -6.47
CA ASN C 174 -5.70 -4.21 -7.72
C ASN C 174 -4.95 -5.51 -8.06
N ILE C 175 -3.64 -5.51 -7.88
CA ILE C 175 -2.86 -6.70 -8.16
C ILE C 175 -3.19 -7.87 -7.24
N TYR C 176 -3.04 -7.66 -5.94
CA TYR C 176 -3.29 -8.73 -4.97
C TYR C 176 -4.73 -9.20 -4.81
N VAL C 177 -5.69 -8.36 -5.18
CA VAL C 177 -7.08 -8.78 -5.09
C VAL C 177 -7.33 -9.76 -6.26
N ASP C 178 -6.81 -9.43 -7.44
CA ASP C 178 -6.98 -10.29 -8.61
C ASP C 178 -6.23 -11.61 -8.45
N GLU C 179 -5.06 -11.57 -7.84
CA GLU C 179 -4.27 -12.78 -7.62
C GLU C 179 -4.92 -13.70 -6.60
N SER C 180 -5.42 -13.11 -5.50
CA SER C 180 -6.06 -13.90 -4.46
C SER C 180 -7.33 -14.57 -4.95
N LEU C 181 -8.15 -13.84 -5.69
CA LEU C 181 -9.38 -14.41 -6.21
C LEU C 181 -9.05 -15.54 -7.18
N PHE C 182 -7.97 -15.37 -7.95
CA PHE C 182 -7.58 -16.41 -8.89
C PHE C 182 -7.18 -17.65 -8.13
N ARG C 183 -6.27 -17.48 -7.18
CA ARG C 183 -5.78 -18.59 -6.39
C ARG C 183 -6.88 -19.29 -5.61
N ALA C 184 -7.93 -18.54 -5.26
CA ALA C 184 -9.07 -19.11 -4.53
C ALA C 184 -10.12 -19.66 -5.49
N GLY C 185 -9.91 -19.45 -6.79
CA GLY C 185 -10.83 -19.94 -7.80
C GLY C 185 -12.20 -19.28 -7.77
N ILE C 186 -12.22 -17.97 -7.52
CA ILE C 186 -13.46 -17.21 -7.44
C ILE C 186 -13.46 -16.04 -8.43
N LEU C 187 -14.51 -15.91 -9.23
CA LEU C 187 -14.60 -14.82 -10.20
C LEU C 187 -14.68 -13.49 -9.46
N PRO C 188 -13.95 -12.48 -9.94
CA PRO C 188 -13.97 -11.17 -9.30
C PRO C 188 -15.32 -10.44 -9.31
N GLY C 189 -16.09 -10.63 -10.38
CA GLY C 189 -17.36 -9.95 -10.49
C GLY C 189 -18.56 -10.47 -9.71
N ARG C 190 -18.46 -11.64 -9.10
CA ARG C 190 -19.62 -12.14 -8.38
C ARG C 190 -19.86 -11.53 -7.02
N PRO C 191 -21.14 -11.42 -6.62
CA PRO C 191 -21.56 -10.86 -5.34
C PRO C 191 -20.84 -11.50 -4.17
N ALA C 192 -20.34 -10.68 -3.26
CA ALA C 192 -19.64 -11.17 -2.09
C ALA C 192 -20.58 -12.02 -1.25
N ALA C 193 -21.88 -11.72 -1.34
CA ALA C 193 -22.90 -12.43 -0.60
C ALA C 193 -23.15 -13.83 -1.17
N SER C 194 -22.74 -14.04 -2.42
CA SER C 194 -22.93 -15.34 -3.06
C SER C 194 -21.84 -16.33 -2.65
N LEU C 195 -20.80 -15.84 -1.98
CA LEU C 195 -19.72 -16.72 -1.56
C LEU C 195 -20.09 -17.63 -0.41
N SER C 196 -19.82 -18.93 -0.58
CA SER C 196 -20.12 -19.92 0.44
C SER C 196 -19.04 -19.86 1.52
N SER C 197 -19.32 -20.48 2.65
CA SER C 197 -18.37 -20.52 3.76
C SER C 197 -17.06 -21.15 3.32
N LYS C 198 -17.16 -22.16 2.45
CA LYS C 198 -15.97 -22.85 1.94
C LYS C 198 -15.09 -21.93 1.10
N GLU C 199 -15.73 -21.16 0.23
CA GLU C 199 -15.03 -20.23 -0.64
C GLU C 199 -14.39 -19.11 0.16
N ILE C 200 -15.14 -18.60 1.14
CA ILE C 200 -14.64 -17.54 2.00
C ILE C 200 -13.40 -17.99 2.75
N GLU C 201 -13.44 -19.19 3.31
CA GLU C 201 -12.29 -19.72 4.04
C GLU C 201 -11.10 -19.89 3.11
N ARG C 202 -11.39 -20.30 1.87
CA ARG C 202 -10.37 -20.52 0.85
C ARG C 202 -9.77 -19.17 0.39
N LEU C 203 -10.62 -18.18 0.21
CA LEU C 203 -10.19 -16.86 -0.21
C LEU C 203 -9.30 -16.23 0.86
N HIS C 204 -9.72 -16.35 2.13
CA HIS C 204 -8.96 -15.81 3.24
C HIS C 204 -7.57 -16.42 3.26
N GLU C 205 -7.51 -17.74 3.07
CA GLU C 205 -6.24 -18.43 3.09
C GLU C 205 -5.33 -17.99 1.93
N GLU C 206 -5.90 -17.77 0.75
CA GLU C 206 -5.10 -17.33 -0.40
C GLU C 206 -4.68 -15.87 -0.23
N MET C 207 -5.52 -15.08 0.41
CA MET C 207 -5.22 -13.68 0.65
C MET C 207 -3.99 -13.58 1.54
N VAL C 208 -4.00 -14.32 2.65
CA VAL C 208 -2.89 -14.32 3.58
C VAL C 208 -1.62 -14.84 2.93
N ALA C 209 -1.75 -15.95 2.20
CA ALA C 209 -0.62 -16.58 1.52
C ALA C 209 0.00 -15.67 0.46
N THR C 210 -0.84 -15.06 -0.37
CA THR C 210 -0.38 -14.18 -1.43
C THR C 210 0.35 -12.95 -0.88
N ILE C 211 -0.31 -12.21 0.02
CA ILE C 211 0.30 -11.02 0.57
C ILE C 211 1.59 -11.39 1.33
N GLY C 212 1.58 -12.55 1.97
CA GLY C 212 2.78 -12.98 2.70
C GLY C 212 3.93 -13.28 1.76
N GLU C 213 3.64 -13.98 0.66
CA GLU C 213 4.67 -14.33 -0.31
C GLU C 213 5.21 -13.07 -1.01
N ALA C 214 4.30 -12.15 -1.34
CA ALA C 214 4.68 -10.90 -2.00
C ALA C 214 5.68 -10.12 -1.15
N VAL C 215 5.47 -10.12 0.16
CA VAL C 215 6.38 -9.42 1.08
C VAL C 215 7.79 -10.01 0.95
N MET C 216 7.87 -11.33 0.99
CA MET C 216 9.14 -12.04 0.90
C MET C 216 9.89 -11.71 -0.37
N LYS C 217 9.15 -11.55 -1.47
CA LYS C 217 9.76 -11.25 -2.76
C LYS C 217 9.98 -9.76 -2.99
N GLY C 218 9.82 -8.97 -1.95
CA GLY C 218 10.03 -7.53 -2.05
C GLY C 218 9.00 -6.77 -2.87
N GLY C 219 7.80 -7.33 -2.97
CA GLY C 219 6.75 -6.66 -3.72
C GLY C 219 6.81 -6.94 -5.21
N SER C 220 5.82 -6.40 -5.93
CA SER C 220 5.72 -6.58 -7.37
C SER C 220 6.06 -5.30 -8.13
N THR C 221 7.02 -5.40 -9.04
CA THR C 221 7.38 -4.26 -9.87
C THR C 221 6.77 -4.56 -11.23
N VAL C 222 5.67 -3.89 -11.55
CA VAL C 222 5.00 -4.09 -12.83
C VAL C 222 5.11 -2.86 -13.70
N ARG C 223 5.21 -1.69 -13.08
CA ARG C 223 5.33 -0.44 -13.81
C ARG C 223 6.46 0.45 -13.30
N THR C 224 6.31 0.97 -12.08
CA THR C 224 7.29 1.90 -11.52
C THR C 224 7.67 1.72 -10.05
N TYR C 225 7.34 0.58 -9.46
CA TYR C 225 7.67 0.36 -8.06
C TYR C 225 9.07 -0.19 -7.85
N VAL C 226 9.75 0.38 -6.86
CA VAL C 226 11.09 -0.02 -6.47
C VAL C 226 11.17 0.26 -4.97
N ASN C 227 12.06 -0.45 -4.26
CA ASN C 227 12.20 -0.21 -2.84
C ASN C 227 13.02 1.07 -2.65
N THR C 228 13.29 1.44 -1.41
CA THR C 228 14.04 2.66 -1.12
C THR C 228 15.42 2.69 -1.78
N GLN C 229 16.01 1.50 -2.01
CA GLN C 229 17.32 1.41 -2.65
C GLN C 229 17.18 1.53 -4.16
N GLY C 230 15.96 1.77 -4.64
CA GLY C 230 15.74 1.88 -6.07
C GLY C 230 15.68 0.50 -6.71
N GLU C 231 15.62 -0.53 -5.87
CA GLU C 231 15.58 -1.89 -6.35
C GLU C 231 14.15 -2.40 -6.62
N ALA C 232 14.03 -3.24 -7.65
CA ALA C 232 12.74 -3.80 -8.02
C ALA C 232 12.41 -5.04 -7.20
N GLY C 233 11.12 -5.32 -7.06
CA GLY C 233 10.70 -6.50 -6.32
C GLY C 233 10.76 -7.63 -7.32
N THR C 234 10.31 -8.82 -6.95
CA THR C 234 10.34 -9.94 -7.89
C THR C 234 9.06 -10.78 -7.90
N PHE C 235 8.05 -10.35 -7.16
CA PHE C 235 6.82 -11.11 -7.11
C PHE C 235 6.07 -11.07 -8.43
N GLN C 236 6.41 -10.11 -9.29
CA GLN C 236 5.73 -10.00 -10.58
C GLN C 236 5.96 -11.26 -11.40
N HIS C 237 6.99 -12.01 -11.06
CA HIS C 237 7.29 -13.25 -11.77
C HIS C 237 6.40 -14.37 -11.24
N HIS C 238 5.68 -14.09 -10.16
CA HIS C 238 4.81 -15.08 -9.55
C HIS C 238 3.33 -14.73 -9.69
N LEU C 239 3.02 -13.87 -10.65
CA LEU C 239 1.64 -13.44 -10.87
C LEU C 239 0.94 -14.44 -11.79
N TYR C 240 -0.28 -14.79 -11.44
CA TYR C 240 -1.06 -15.73 -12.23
C TYR C 240 -1.92 -15.00 -13.26
N VAL C 241 -2.52 -13.88 -12.86
CA VAL C 241 -3.40 -13.15 -13.75
C VAL C 241 -3.15 -11.66 -13.99
N TYR C 242 -2.74 -10.93 -12.96
CA TYR C 242 -2.53 -9.50 -13.14
C TYR C 242 -1.58 -9.16 -14.28
N GLY C 243 -2.08 -8.37 -15.23
CA GLY C 243 -1.27 -7.96 -16.37
C GLY C 243 -0.94 -9.07 -17.36
N ARG C 244 -1.59 -10.23 -17.22
CA ARG C 244 -1.32 -11.34 -18.12
C ARG C 244 -2.43 -11.59 -19.15
N GLN C 245 -3.29 -10.59 -19.34
CA GLN C 245 -4.37 -10.72 -20.30
C GLN C 245 -3.82 -11.12 -21.67
N GLY C 246 -4.45 -12.11 -22.29
CA GLY C 246 -3.99 -12.57 -23.58
C GLY C 246 -2.98 -13.71 -23.52
N ASN C 247 -2.38 -13.90 -22.35
CA ASN C 247 -1.40 -14.97 -22.16
C ASN C 247 -2.10 -16.19 -21.58
N PRO C 248 -1.53 -17.39 -21.78
CA PRO C 248 -2.16 -18.60 -21.26
C PRO C 248 -2.09 -18.72 -19.74
N CYS C 249 -3.18 -19.19 -19.14
CA CYS C 249 -3.22 -19.38 -17.70
C CYS C 249 -2.14 -20.37 -17.30
N LYS C 250 -1.48 -20.11 -16.18
CA LYS C 250 -0.41 -20.98 -15.72
C LYS C 250 -0.88 -22.34 -15.21
N ARG C 251 -2.17 -22.45 -14.91
CA ARG C 251 -2.70 -23.72 -14.42
C ARG C 251 -3.47 -24.53 -15.47
N CYS C 252 -4.22 -23.86 -16.34
CA CYS C 252 -5.01 -24.58 -17.33
C CYS C 252 -4.73 -24.20 -18.78
N GLY C 253 -3.94 -23.16 -19.00
CA GLY C 253 -3.63 -22.75 -20.35
C GLY C 253 -4.65 -21.88 -21.06
N THR C 254 -5.80 -21.63 -20.42
CA THR C 254 -6.83 -20.79 -21.00
C THR C 254 -6.35 -19.35 -20.99
N PRO C 255 -6.50 -18.62 -22.11
CA PRO C 255 -6.04 -17.22 -22.13
C PRO C 255 -6.63 -16.39 -20.99
N ILE C 256 -5.78 -15.68 -20.26
CA ILE C 256 -6.26 -14.83 -19.17
C ILE C 256 -7.05 -13.67 -19.76
N GLU C 257 -8.13 -13.29 -19.10
CA GLU C 257 -8.94 -12.19 -19.60
C GLU C 257 -8.97 -10.95 -18.73
N LYS C 258 -9.26 -9.82 -19.37
CA LYS C 258 -9.33 -8.55 -18.67
C LYS C 258 -10.61 -7.80 -18.96
N THR C 259 -11.22 -7.25 -17.92
CA THR C 259 -12.44 -6.47 -18.06
C THR C 259 -12.40 -5.38 -17.01
N VAL C 260 -13.56 -4.79 -16.72
CA VAL C 260 -13.64 -3.75 -15.73
C VAL C 260 -14.60 -4.21 -14.63
N VAL C 261 -14.12 -4.17 -13.39
CA VAL C 261 -14.94 -4.56 -12.24
C VAL C 261 -14.69 -3.54 -11.14
N ALA C 262 -15.77 -2.91 -10.67
CA ALA C 262 -15.66 -1.89 -9.63
C ALA C 262 -14.81 -0.74 -10.17
N GLY C 263 -14.99 -0.44 -11.46
CA GLY C 263 -14.26 0.64 -12.10
C GLY C 263 -12.75 0.42 -12.24
N ARG C 264 -12.31 -0.83 -12.27
CA ARG C 264 -10.89 -1.09 -12.39
C ARG C 264 -10.51 -2.28 -13.26
N GLY C 265 -9.34 -2.18 -13.90
CA GLY C 265 -8.86 -3.27 -14.74
C GLY C 265 -8.91 -4.53 -13.90
N THR C 266 -9.49 -5.60 -14.45
CA THR C 266 -9.62 -6.85 -13.71
C THR C 266 -9.17 -8.04 -14.54
N HIS C 267 -8.25 -8.81 -13.98
CA HIS C 267 -7.69 -9.97 -14.64
C HIS C 267 -8.17 -11.25 -13.99
N TYR C 268 -8.49 -12.25 -14.81
CA TYR C 268 -8.99 -13.52 -14.30
C TYR C 268 -8.97 -14.62 -15.37
N CYS C 269 -9.01 -15.86 -14.91
CA CYS C 269 -9.05 -17.00 -15.81
C CYS C 269 -10.51 -17.45 -15.78
N PRO C 270 -11.19 -17.46 -16.93
CA PRO C 270 -12.59 -17.87 -16.98
C PRO C 270 -12.83 -19.35 -16.69
N ARG C 271 -11.77 -20.15 -16.70
CA ARG C 271 -11.92 -21.56 -16.42
C ARG C 271 -11.66 -21.84 -14.95
N CYS C 272 -10.50 -21.42 -14.45
CA CYS C 272 -10.11 -21.63 -13.06
C CYS C 272 -10.99 -20.93 -12.05
N GLN C 273 -11.49 -19.75 -12.41
CA GLN C 273 -12.32 -19.00 -11.49
C GLN C 273 -13.81 -19.12 -11.82
N ARG C 274 -14.59 -19.46 -10.80
CA ARG C 274 -16.03 -19.61 -10.96
C ARG C 274 -16.74 -18.82 -9.86
#